data_1UU5
#
_entry.id   1UU5
#
_cell.length_a   49.501
_cell.length_b   49.501
_cell.length_c   167.519
_cell.angle_alpha   90.00
_cell.angle_beta   90.00
_cell.angle_gamma   90.00
#
_symmetry.space_group_name_H-M   'P 43 21 2'
#
loop_
_entity.id
_entity.type
_entity.pdbx_description
1 polymer ENDO-BETA-1,4-GLUCANASE
2 branched beta-D-glucopyranose-(1-4)-beta-D-glucopyranose-(1-3)-beta-D-glucopyranose-(1-4)-beta-D-glucopyranose
3 non-polymer 'ACETATE ION'
4 water water
#
_entity_poly.entity_id   1
_entity_poly.type   'polypeptide(L)'
_entity_poly.pdbx_seq_one_letter_code
;(PCA)IRSLCELYGYWSGNGYELLNNLWGKDTATSGWQCTYLDGTNNGGIQWSTAWEWQGAPDNVKSYPYVGKQIQRGRK
ISDINSMRTSVSWTYDRTDIRANVAYDVFTARDPDHPNWGGDYELMIWLARYGGIYPIGTFHSQVNLAGRTWDLWTGYNG
NMRVYSFLPPSGDIRDFSCDIKDFFNYLERNHGYPAREQNLIVYQVGTECFTGGPARFTCRDFRADLW
;
_entity_poly.pdbx_strand_id   A
#
loop_
_chem_comp.id
_chem_comp.type
_chem_comp.name
_chem_comp.formula
ACT non-polymer 'ACETATE ION' 'C2 H3 O2 -1'
BGC D-saccharide, beta linking beta-D-glucopyranose 'C6 H12 O6'
#
# COMPACT_ATOMS: atom_id res chain seq x y z
N PCA A 1 10.79 19.61 -5.75
CA PCA A 1 10.98 18.43 -4.84
CB PCA A 1 10.96 17.16 -5.68
CG PCA A 1 11.19 17.57 -7.12
CD PCA A 1 11.02 19.07 -7.07
OE PCA A 1 11.06 19.77 -8.11
C PCA A 1 12.28 18.55 -4.05
O PCA A 1 13.28 19.05 -4.55
N ILE A 2 12.27 18.08 -2.80
CA ILE A 2 13.49 17.95 -2.00
C ILE A 2 14.41 16.82 -2.49
N ARG A 3 13.83 15.69 -2.89
CA ARG A 3 14.55 14.57 -3.48
C ARG A 3 13.80 14.04 -4.69
N SER A 4 14.53 13.67 -5.72
CA SER A 4 13.98 13.04 -6.92
C SER A 4 14.57 11.64 -7.00
N LEU A 5 13.73 10.65 -6.72
CA LEU A 5 14.15 9.26 -6.70
C LEU A 5 13.70 8.59 -8.00
N CYS A 6 14.51 8.75 -9.04
CA CYS A 6 14.13 8.27 -10.37
CA CYS A 6 14.17 8.30 -10.39
C CYS A 6 14.83 6.97 -10.76
N GLU A 7 15.88 6.60 -10.03
CA GLU A 7 16.53 5.31 -10.24
C GLU A 7 15.63 4.17 -9.77
N LEU A 8 15.82 2.99 -10.34
CA LEU A 8 15.21 1.80 -9.80
C LEU A 8 15.60 1.66 -8.33
N TYR A 9 14.59 1.55 -7.49
CA TYR A 9 14.76 1.50 -6.02
C TYR A 9 15.46 2.70 -5.40
N GLY A 10 15.36 3.85 -6.04
CA GLY A 10 15.75 5.10 -5.44
C GLY A 10 15.10 5.23 -4.07
N TYR A 11 15.89 5.59 -3.06
CA TYR A 11 15.48 5.47 -1.68
C TYR A 11 15.80 6.70 -0.84
N TRP A 12 14.89 7.02 0.06
CA TRP A 12 15.06 8.02 1.07
C TRP A 12 14.49 7.54 2.38
N SER A 13 15.13 7.93 3.48
CA SER A 13 14.56 7.70 4.80
C SER A 13 14.85 8.87 5.74
N GLY A 14 13.90 9.12 6.63
CA GLY A 14 14.00 10.19 7.60
C GLY A 14 12.71 10.35 8.37
N ASN A 15 12.82 10.85 9.59
CA ASN A 15 11.66 11.17 10.43
C ASN A 15 10.84 9.89 10.72
N GLY A 16 11.48 8.73 10.67
CA GLY A 16 10.83 7.45 10.96
C GLY A 16 10.01 6.90 9.80
N TYR A 17 10.20 7.48 8.62
CA TYR A 17 9.54 7.01 7.41
C TYR A 17 10.59 6.69 6.34
N GLU A 18 10.17 5.99 5.30
CA GLU A 18 11.00 5.77 4.13
C GLU A 18 10.17 5.90 2.87
N LEU A 19 10.85 6.12 1.77
CA LEU A 19 10.21 6.37 0.49
C LEU A 19 10.99 5.62 -0.56
N LEU A 20 10.32 4.87 -1.43
CA LEU A 20 11.02 4.03 -2.37
C LEU A 20 10.40 4.11 -3.76
N ASN A 21 11.25 4.28 -4.77
CA ASN A 21 10.82 4.19 -6.18
C ASN A 21 10.78 2.71 -6.56
N ASN A 22 9.74 2.03 -6.10
CA ASN A 22 9.65 0.59 -6.08
C ASN A 22 9.11 0.01 -7.39
N LEU A 23 9.96 0.01 -8.43
CA LEU A 23 9.53 -0.41 -9.77
C LEU A 23 9.78 -1.91 -9.92
N TRP A 24 9.20 -2.69 -9.02
CA TRP A 24 9.55 -4.09 -8.90
C TRP A 24 9.18 -4.96 -10.10
N GLY A 25 8.15 -4.53 -10.85
CA GLY A 25 7.69 -5.26 -12.00
C GLY A 25 8.04 -4.61 -13.34
N LYS A 26 8.99 -3.69 -13.37
CA LYS A 26 9.26 -2.89 -14.58
C LYS A 26 9.70 -3.71 -15.78
N ASP A 27 10.31 -4.86 -15.54
CA ASP A 27 10.82 -5.69 -16.65
C ASP A 27 9.69 -6.30 -17.49
N THR A 28 8.45 -6.26 -16.98
CA THR A 28 7.27 -6.68 -17.75
C THR A 28 6.69 -5.61 -18.70
N ALA A 29 7.15 -4.38 -18.56
CA ALA A 29 6.71 -3.27 -19.40
C ALA A 29 7.43 -3.30 -20.75
N THR A 30 6.76 -2.82 -21.78
CA THR A 30 7.38 -2.63 -23.09
C THR A 30 8.04 -1.27 -23.22
N SER A 31 7.47 -0.27 -22.56
CA SER A 31 8.07 1.04 -22.50
C SER A 31 7.57 1.76 -21.26
N GLY A 32 8.26 2.84 -20.91
CA GLY A 32 7.83 3.72 -19.84
C GLY A 32 8.85 3.81 -18.72
N TRP A 33 8.55 4.65 -17.76
CA TRP A 33 9.39 4.81 -16.57
C TRP A 33 8.59 5.55 -15.51
N GLN A 34 9.20 5.75 -14.36
CA GLN A 34 8.53 6.31 -13.20
C GLN A 34 9.55 6.90 -12.25
N CYS A 35 9.18 8.01 -11.62
CA CYS A 35 10.02 8.64 -10.61
C CYS A 35 9.19 8.91 -9.38
N THR A 36 9.81 8.87 -8.20
CA THR A 36 9.16 9.16 -6.93
C THR A 36 9.84 10.38 -6.31
N TYR A 37 9.05 11.33 -5.86
CA TYR A 37 9.54 12.61 -5.37
C TYR A 37 9.19 12.80 -3.91
N LEU A 38 10.18 13.22 -3.11
CA LEU A 38 9.92 13.69 -1.76
C LEU A 38 9.62 15.16 -1.84
N ASP A 39 8.40 15.56 -1.50
CA ASP A 39 8.01 16.97 -1.54
C ASP A 39 8.17 17.72 -0.21
N GLY A 40 8.01 17.03 0.91
CA GLY A 40 8.14 17.62 2.22
C GLY A 40 8.10 16.61 3.33
N THR A 41 8.56 17.03 4.51
CA THR A 41 8.41 16.24 5.74
C THR A 41 7.80 17.10 6.86
N ASN A 42 6.75 17.84 6.52
CA ASN A 42 6.15 18.75 7.47
C ASN A 42 5.14 18.08 8.39
N ASN A 43 5.05 18.59 9.62
CA ASN A 43 3.99 18.24 10.58
C ASN A 43 3.90 16.78 11.01
N GLY A 44 5.06 16.11 11.12
CA GLY A 44 5.12 14.70 11.51
C GLY A 44 4.63 13.75 10.43
N GLY A 45 4.44 14.28 9.23
CA GLY A 45 3.99 13.49 8.10
C GLY A 45 4.97 13.60 6.94
N ILE A 46 4.62 12.93 5.85
CA ILE A 46 5.38 12.94 4.62
C ILE A 46 4.48 13.40 3.48
N GLN A 47 5.03 14.27 2.64
CA GLN A 47 4.38 14.74 1.42
C GLN A 47 5.22 14.27 0.27
N TRP A 48 4.62 13.58 -0.69
CA TRP A 48 5.41 12.98 -1.76
C TRP A 48 4.52 12.79 -2.97
N SER A 49 5.14 12.40 -4.08
CA SER A 49 4.38 12.12 -5.28
C SER A 49 5.15 11.15 -6.18
N THR A 50 4.48 10.66 -7.20
CA THR A 50 5.16 9.84 -8.18
C THR A 50 4.52 10.06 -9.53
N ALA A 51 5.38 10.29 -10.51
CA ALA A 51 4.94 10.49 -11.90
C ALA A 51 5.35 9.30 -12.74
N TRP A 52 4.48 8.86 -13.65
CA TRP A 52 4.76 7.66 -14.40
C TRP A 52 3.99 7.52 -15.70
N GLU A 53 4.56 6.66 -16.55
CA GLU A 53 3.89 6.20 -17.78
C GLU A 53 4.41 4.78 -18.02
N TRP A 54 3.50 3.83 -18.19
CA TRP A 54 3.86 2.45 -18.47
C TRP A 54 2.98 1.91 -19.60
N GLN A 55 3.58 1.17 -20.52
CA GLN A 55 2.84 0.50 -21.58
C GLN A 55 3.23 -0.98 -21.59
N GLY A 56 2.29 -1.84 -21.95
CA GLY A 56 2.52 -3.26 -22.07
C GLY A 56 2.07 -4.02 -20.85
N ALA A 57 1.68 -5.29 -21.08
CA ALA A 57 1.24 -6.25 -20.05
C ALA A 57 0.28 -5.66 -19.03
N PRO A 58 -0.96 -5.37 -19.45
CA PRO A 58 -1.95 -4.67 -18.60
C PRO A 58 -2.37 -5.34 -17.29
N ASP A 59 -2.19 -6.66 -17.16
CA ASP A 59 -2.51 -7.37 -15.93
C ASP A 59 -1.31 -7.49 -15.00
N ASN A 60 -0.17 -6.94 -15.41
CA ASN A 60 1.06 -6.97 -14.61
C ASN A 60 1.33 -5.64 -13.94
N VAL A 61 1.44 -5.67 -12.62
CA VAL A 61 1.92 -4.50 -11.89
C VAL A 61 3.37 -4.20 -12.30
N LYS A 62 3.65 -2.96 -12.67
CA LYS A 62 5.01 -2.49 -12.94
C LYS A 62 5.68 -1.95 -11.70
N SER A 63 4.89 -1.37 -10.80
CA SER A 63 5.46 -0.69 -9.65
C SER A 63 4.48 -0.56 -8.51
N TYR A 64 5.04 -0.33 -7.31
CA TYR A 64 4.28 0.12 -6.14
C TYR A 64 5.13 1.10 -5.36
N PRO A 65 5.36 2.31 -5.87
CA PRO A 65 6.10 3.27 -5.07
C PRO A 65 5.30 3.56 -3.80
N TYR A 66 6.00 3.72 -2.70
CA TYR A 66 5.35 3.84 -1.40
C TYR A 66 6.12 4.71 -0.44
N VAL A 67 5.39 5.18 0.55
CA VAL A 67 5.97 5.69 1.77
C VAL A 67 5.65 4.61 2.82
N GLY A 68 6.64 4.30 3.64
CA GLY A 68 6.51 3.28 4.66
C GLY A 68 6.84 3.87 6.01
N LYS A 69 6.18 3.37 7.05
CA LYS A 69 6.59 3.69 8.42
C LYS A 69 7.66 2.70 8.82
N GLN A 70 8.84 3.18 9.18
CA GLN A 70 9.89 2.32 9.73
C GLN A 70 9.42 1.72 11.05
N ILE A 71 9.71 0.45 11.26
CA ILE A 71 9.29 -0.27 12.46
C ILE A 71 10.41 -1.14 12.99
N GLN A 72 10.44 -1.32 14.30
CA GLN A 72 11.34 -2.31 14.84
C GLN A 72 10.79 -3.71 14.56
N ARG A 73 11.69 -4.65 14.32
CA ARG A 73 11.33 -6.04 14.08
C ARG A 73 10.85 -6.66 15.37
N GLY A 74 9.95 -7.63 15.24
CA GLY A 74 9.56 -8.50 16.34
C GLY A 74 8.29 -8.07 17.05
N ARG A 75 7.52 -7.19 16.44
CA ARG A 75 6.25 -6.75 16.99
C ARG A 75 5.16 -7.70 16.59
N LYS A 76 4.74 -8.56 17.53
CA LYS A 76 3.63 -9.47 17.27
C LYS A 76 2.36 -8.66 17.08
N ILE A 77 1.53 -9.02 16.10
CA ILE A 77 0.36 -8.22 15.81
C ILE A 77 -0.60 -8.17 16.99
N SER A 78 -0.73 -9.29 17.68
CA SER A 78 -1.59 -9.38 18.85
C SER A 78 -1.24 -8.35 19.92
N ASP A 79 0.03 -7.99 20.01
CA ASP A 79 0.50 -7.05 21.02
C ASP A 79 0.70 -5.64 20.51
N ILE A 80 0.37 -5.39 19.26
CA ILE A 80 0.22 -4.02 18.77
C ILE A 80 -1.13 -3.49 19.22
N ASN A 81 -1.12 -2.35 19.91
CA ASN A 81 -2.33 -1.73 20.45
C ASN A 81 -3.11 -0.98 19.37
N SER A 82 -2.39 -0.24 18.53
CA SER A 82 -2.99 0.59 17.50
C SER A 82 -2.02 0.88 16.37
N MET A 83 -2.59 1.06 15.18
CA MET A 83 -1.87 1.47 13.99
C MET A 83 -2.68 2.58 13.33
N ARG A 84 -2.68 3.76 13.94
CA ARG A 84 -3.49 4.86 13.44
C ARG A 84 -2.75 5.56 12.32
N THR A 85 -3.41 5.74 11.19
CA THR A 85 -2.81 6.32 10.03
C THR A 85 -3.82 7.17 9.25
N SER A 86 -3.33 8.17 8.55
CA SER A 86 -4.16 9.00 7.70
C SER A 86 -3.40 9.33 6.41
N VAL A 87 -4.17 9.50 5.34
CA VAL A 87 -3.61 9.87 4.06
C VAL A 87 -4.57 10.76 3.31
N SER A 88 -4.02 11.75 2.62
CA SER A 88 -4.77 12.61 1.72
C SER A 88 -4.02 12.59 0.41
N TRP A 89 -4.71 12.27 -0.67
CA TRP A 89 -4.06 12.12 -1.96
C TRP A 89 -4.95 12.55 -3.09
N THR A 90 -4.33 12.69 -4.25
CA THR A 90 -5.01 12.91 -5.51
C THR A 90 -4.28 12.20 -6.66
N TYR A 91 -5.05 11.81 -7.67
CA TYR A 91 -4.50 11.42 -8.96
C TYR A 91 -4.94 12.48 -9.96
N ASP A 92 -4.06 12.82 -10.90
CA ASP A 92 -4.40 13.86 -11.89
C ASP A 92 -5.32 13.36 -13.01
N ARG A 93 -5.47 12.05 -13.09
CA ARG A 93 -6.38 11.42 -14.04
C ARG A 93 -6.74 10.03 -13.52
N THR A 94 -7.86 9.49 -13.99
CA THR A 94 -8.32 8.18 -13.54
C THR A 94 -8.48 7.19 -14.68
N ASP A 95 -8.16 7.60 -15.91
CA ASP A 95 -8.18 6.71 -17.08
C ASP A 95 -6.82 5.99 -17.21
N ILE A 96 -6.52 5.26 -16.15
CA ILE A 96 -5.28 4.53 -15.97
C ILE A 96 -5.63 3.22 -15.30
N ARG A 97 -4.74 2.24 -15.40
CA ARG A 97 -4.86 1.01 -14.64
C ARG A 97 -3.92 1.10 -13.46
N ALA A 98 -4.51 1.30 -12.29
CA ALA A 98 -3.75 1.62 -11.09
C ALA A 98 -4.66 1.61 -9.88
N ASN A 99 -4.07 1.51 -8.71
CA ASN A 99 -4.81 1.68 -7.46
C ASN A 99 -4.07 2.65 -6.53
N VAL A 100 -4.70 2.92 -5.40
CA VAL A 100 -4.03 3.50 -4.24
C VAL A 100 -4.35 2.54 -3.12
N ALA A 101 -3.34 2.17 -2.32
CA ALA A 101 -3.52 1.12 -1.33
C ALA A 101 -2.48 1.15 -0.23
N TYR A 102 -2.95 0.89 0.99
CA TYR A 102 -2.08 0.45 2.08
C TYR A 102 -1.66 -0.99 1.85
N ASP A 103 -0.40 -1.27 2.18
CA ASP A 103 0.15 -2.61 2.11
C ASP A 103 0.83 -2.93 3.43
N VAL A 104 0.51 -4.11 3.97
CA VAL A 104 1.05 -4.56 5.23
C VAL A 104 1.43 -6.02 5.06
N PHE A 105 2.66 -6.34 5.38
CA PHE A 105 3.10 -7.74 5.42
C PHE A 105 3.34 -8.16 6.85
N THR A 106 3.00 -9.41 7.16
CA THR A 106 3.40 -10.02 8.42
C THR A 106 4.01 -11.39 8.18
N ALA A 107 4.81 -11.85 9.13
CA ALA A 107 5.44 -13.17 9.02
C ALA A 107 5.75 -13.75 10.39
N ARG A 108 5.82 -15.07 10.46
CA ARG A 108 6.19 -15.71 11.70
C ARG A 108 7.64 -15.40 12.01
N ASP A 109 8.47 -15.33 10.96
CA ASP A 109 9.90 -15.01 11.10
C ASP A 109 10.03 -13.50 11.17
N PRO A 110 10.43 -12.96 12.33
CA PRO A 110 10.49 -11.51 12.50
C PRO A 110 11.52 -10.83 11.57
N ASP A 111 12.49 -11.60 11.06
CA ASP A 111 13.53 -11.07 10.17
C ASP A 111 13.23 -11.31 8.70
N HIS A 112 11.98 -11.65 8.40
CA HIS A 112 11.62 -11.86 7.01
C HIS A 112 11.93 -10.59 6.22
N PRO A 113 12.52 -10.74 5.02
CA PRO A 113 12.70 -9.56 4.16
C PRO A 113 11.41 -8.81 3.83
N ASN A 114 11.58 -7.53 3.52
CA ASN A 114 10.43 -6.65 3.33
C ASN A 114 9.67 -6.85 2.03
N TRP A 115 10.13 -7.72 1.14
CA TRP A 115 9.42 -7.98 -0.12
C TRP A 115 8.17 -8.86 0.03
N GLY A 116 7.92 -9.37 1.22
CA GLY A 116 6.76 -10.23 1.42
C GLY A 116 6.61 -10.74 2.84
N GLY A 117 5.78 -11.76 3.00
CA GLY A 117 5.58 -12.37 4.30
C GLY A 117 4.69 -13.59 4.17
N ASP A 118 4.21 -14.08 5.30
CA ASP A 118 3.21 -15.13 5.33
C ASP A 118 1.83 -14.62 4.97
N TYR A 119 1.55 -13.36 5.33
CA TYR A 119 0.24 -12.75 5.10
C TYR A 119 0.45 -11.33 4.61
N GLU A 120 -0.52 -10.88 3.83
CA GLU A 120 -0.59 -9.54 3.33
C GLU A 120 -1.98 -9.01 3.59
N LEU A 121 -2.04 -7.79 4.10
CA LEU A 121 -3.27 -7.04 4.31
C LEU A 121 -3.21 -5.78 3.47
N MET A 122 -4.14 -5.59 2.53
CA MET A 122 -4.20 -4.37 1.74
C MET A 122 -5.50 -3.64 2.03
N ILE A 123 -5.41 -2.32 2.09
CA ILE A 123 -6.60 -1.48 2.16
C ILE A 123 -6.57 -0.56 0.95
N TRP A 124 -7.44 -0.85 -0.01
CA TRP A 124 -7.45 -0.07 -1.25
C TRP A 124 -8.32 1.17 -1.10
N LEU A 125 -7.83 2.29 -1.63
CA LEU A 125 -8.54 3.56 -1.61
C LEU A 125 -8.98 4.02 -3.00
N ALA A 126 -8.54 3.29 -4.02
CA ALA A 126 -8.95 3.54 -5.40
C ALA A 126 -8.77 2.28 -6.21
N ARG A 127 -9.57 2.17 -7.26
CA ARG A 127 -9.48 1.03 -8.14
C ARG A 127 -9.78 1.55 -9.55
N TYR A 128 -8.74 1.82 -10.32
CA TYR A 128 -8.91 2.49 -11.62
C TYR A 128 -8.64 1.55 -12.78
N GLY A 129 -9.41 1.71 -13.86
CA GLY A 129 -9.09 1.09 -15.13
C GLY A 129 -9.46 -0.37 -15.27
N GLY A 130 -10.21 -0.90 -14.32
CA GLY A 130 -10.71 -2.26 -14.40
C GLY A 130 -9.81 -3.34 -13.81
N ILE A 131 -8.81 -2.93 -13.03
CA ILE A 131 -7.91 -3.91 -12.43
C ILE A 131 -8.61 -4.72 -11.34
N TYR A 132 -8.04 -5.87 -11.01
CA TYR A 132 -8.55 -6.75 -9.97
C TYR A 132 -7.57 -6.88 -8.83
N PRO A 133 -8.06 -7.07 -7.60
CA PRO A 133 -7.19 -7.46 -6.50
C PRO A 133 -6.82 -8.94 -6.62
N ILE A 134 -5.97 -9.37 -5.70
CA ILE A 134 -5.64 -10.77 -5.60
C ILE A 134 -6.86 -11.56 -5.15
N GLY A 135 -7.13 -12.68 -5.83
CA GLY A 135 -8.08 -13.64 -5.33
C GLY A 135 -9.51 -13.40 -5.81
N THR A 136 -10.47 -13.62 -4.91
CA THR A 136 -11.88 -13.53 -5.24
C THR A 136 -12.64 -12.76 -4.16
N PHE A 137 -13.80 -12.24 -4.55
CA PHE A 137 -14.64 -11.47 -3.63
C PHE A 137 -15.29 -12.42 -2.62
N HIS A 138 -15.13 -12.11 -1.34
CA HIS A 138 -15.63 -12.96 -0.27
C HIS A 138 -16.93 -12.43 0.32
N SER A 139 -16.88 -11.24 0.92
CA SER A 139 -17.99 -10.72 1.72
C SER A 139 -17.80 -9.24 1.97
N GLN A 140 -18.87 -8.56 2.38
CA GLN A 140 -18.77 -7.19 2.84
C GLN A 140 -18.47 -7.14 4.34
N VAL A 141 -17.74 -6.09 4.71
CA VAL A 141 -17.24 -5.89 6.05
C VAL A 141 -17.39 -4.42 6.44
N ASN A 142 -17.89 -4.16 7.64
CA ASN A 142 -18.01 -2.79 8.12
C ASN A 142 -16.86 -2.47 9.12
N LEU A 143 -15.97 -1.58 8.72
CA LEU A 143 -14.83 -1.15 9.53
C LEU A 143 -14.46 0.30 9.23
N ALA A 144 -13.90 1.02 10.20
CA ALA A 144 -13.39 2.36 9.99
C ALA A 144 -14.44 3.32 9.45
N GLY A 145 -15.71 3.03 9.79
CA GLY A 145 -16.82 3.88 9.40
C GLY A 145 -17.31 3.68 7.99
N ARG A 146 -16.79 2.67 7.32
CA ARG A 146 -17.11 2.41 5.92
CA ARG A 146 -17.12 2.41 5.92
C ARG A 146 -17.48 0.95 5.72
N THR A 147 -18.06 0.65 4.56
CA THR A 147 -18.29 -0.71 4.14
C THR A 147 -17.19 -1.03 3.15
N TRP A 148 -16.64 -2.23 3.25
CA TRP A 148 -15.56 -2.70 2.38
C TRP A 148 -15.98 -4.00 1.73
N ASP A 149 -15.49 -4.25 0.52
CA ASP A 149 -15.56 -5.57 -0.10
C ASP A 149 -14.26 -6.29 0.21
N LEU A 150 -14.34 -7.37 0.98
CA LEU A 150 -13.17 -8.14 1.31
C LEU A 150 -12.91 -9.18 0.23
N TRP A 151 -11.73 -9.12 -0.37
CA TRP A 151 -11.25 -10.12 -1.30
C TRP A 151 -10.17 -10.94 -0.60
N THR A 152 -10.13 -12.23 -0.90
CA THR A 152 -9.12 -13.10 -0.35
C THR A 152 -8.55 -14.03 -1.39
N GLY A 153 -7.27 -14.31 -1.24
CA GLY A 153 -6.62 -15.29 -2.07
C GLY A 153 -5.18 -15.49 -1.71
N TYR A 154 -4.42 -15.97 -2.69
CA TYR A 154 -3.02 -16.30 -2.49
C TYR A 154 -2.17 -15.73 -3.61
N ASN A 155 -1.00 -15.27 -3.22
CA ASN A 155 0.05 -14.82 -4.13
C ASN A 155 1.27 -15.66 -3.72
N GLY A 156 1.48 -16.77 -4.43
CA GLY A 156 2.45 -17.75 -4.01
C GLY A 156 1.96 -18.44 -2.75
N ASN A 157 2.82 -18.49 -1.74
CA ASN A 157 2.46 -19.09 -0.45
C ASN A 157 1.79 -18.10 0.50
N MET A 158 1.73 -16.84 0.08
CA MET A 158 1.24 -15.76 0.96
C MET A 158 -0.27 -15.60 0.85
N ARG A 159 -0.97 -15.56 1.98
CA ARG A 159 -2.41 -15.33 2.01
C ARG A 159 -2.63 -13.83 1.95
N VAL A 160 -3.51 -13.36 1.07
CA VAL A 160 -3.72 -11.94 0.85
C VAL A 160 -5.16 -11.57 1.14
N TYR A 161 -5.37 -10.61 2.03
CA TYR A 161 -6.68 -10.07 2.38
C TYR A 161 -6.70 -8.61 1.88
N SER A 162 -7.60 -8.30 0.96
CA SER A 162 -7.69 -6.94 0.41
C SER A 162 -9.07 -6.35 0.66
N PHE A 163 -9.11 -5.18 1.28
CA PHE A 163 -10.36 -4.48 1.58
C PHE A 163 -10.54 -3.38 0.53
N LEU A 164 -11.62 -3.43 -0.24
CA LEU A 164 -11.82 -2.51 -1.38
C LEU A 164 -13.05 -1.66 -1.15
N PRO A 165 -13.05 -0.42 -1.63
CA PRO A 165 -14.28 0.38 -1.59
C PRO A 165 -15.25 -0.24 -2.59
N PRO A 166 -16.50 -0.43 -2.21
CA PRO A 166 -17.50 -0.95 -3.15
C PRO A 166 -17.68 -0.08 -4.39
N SER A 167 -17.53 1.23 -4.21
CA SER A 167 -17.61 2.16 -5.30
C SER A 167 -16.75 3.39 -5.05
N GLY A 168 -16.31 4.02 -6.13
CA GLY A 168 -15.60 5.28 -6.06
C GLY A 168 -14.23 5.14 -5.44
N ASP A 169 -13.69 6.28 -5.06
CA ASP A 169 -12.43 6.31 -4.35
C ASP A 169 -12.55 7.04 -3.01
N ILE A 170 -11.45 7.01 -2.26
CA ILE A 170 -11.39 7.63 -0.93
C ILE A 170 -10.10 8.41 -0.84
N ARG A 171 -10.17 9.69 -1.19
CA ARG A 171 -8.99 10.54 -1.33
C ARG A 171 -8.52 11.14 -0.02
N ASP A 172 -9.37 11.10 0.99
CA ASP A 172 -9.01 11.54 2.33
C ASP A 172 -9.49 10.49 3.30
N PHE A 173 -8.54 9.84 3.96
CA PHE A 173 -8.81 8.60 4.67
C PHE A 173 -8.06 8.56 5.97
N SER A 174 -8.70 8.00 6.99
CA SER A 174 -8.01 7.69 8.23
C SER A 174 -8.60 6.40 8.80
N CYS A 175 -7.76 5.64 9.47
CA CYS A 175 -8.20 4.41 10.12
C CYS A 175 -7.20 3.94 11.14
N ASP A 176 -7.58 2.91 11.86
CA ASP A 176 -6.66 2.18 12.72
C ASP A 176 -6.58 0.79 12.11
N ILE A 177 -5.42 0.45 11.57
CA ILE A 177 -5.25 -0.84 10.88
C ILE A 177 -5.45 -1.99 11.85
N LYS A 178 -5.24 -1.77 13.15
CA LYS A 178 -5.56 -2.83 14.10
C LYS A 178 -7.02 -3.30 14.05
N ASP A 179 -7.94 -2.43 13.67
CA ASP A 179 -9.35 -2.86 13.54
C ASP A 179 -9.51 -3.91 12.44
N PHE A 180 -8.70 -3.80 11.40
CA PHE A 180 -8.75 -4.72 10.27
C PHE A 180 -8.10 -6.05 10.69
N PHE A 181 -6.94 -6.00 11.34
CA PHE A 181 -6.35 -7.20 11.87
C PHE A 181 -7.28 -7.90 12.85
N ASN A 182 -7.98 -7.15 13.70
CA ASN A 182 -8.86 -7.75 14.71
C ASN A 182 -10.02 -8.49 14.03
N TYR A 183 -10.52 -7.92 12.94
CA TYR A 183 -11.61 -8.54 12.19
C TYR A 183 -11.11 -9.87 11.63
N LEU A 184 -9.92 -9.86 11.04
CA LEU A 184 -9.36 -11.08 10.48
C LEU A 184 -9.03 -12.12 11.54
N GLU A 185 -8.54 -11.68 12.70
CA GLU A 185 -8.21 -12.60 13.77
C GLU A 185 -9.49 -13.31 14.25
N ARG A 186 -10.54 -12.56 14.49
CA ARG A 186 -11.77 -13.14 14.99
C ARG A 186 -12.45 -14.05 13.98
N ASN A 187 -12.69 -13.54 12.79
CA ASN A 187 -13.60 -14.18 11.84
C ASN A 187 -12.90 -14.99 10.76
N HIS A 188 -11.59 -14.81 10.60
CA HIS A 188 -10.83 -15.54 9.59
C HIS A 188 -9.64 -16.32 10.13
N GLY A 189 -9.55 -16.44 11.46
CA GLY A 189 -8.52 -17.23 12.08
C GLY A 189 -7.10 -16.74 11.87
N TYR A 190 -6.96 -15.45 11.59
CA TYR A 190 -5.64 -14.87 11.34
C TYR A 190 -4.80 -15.03 12.62
N PRO A 191 -3.63 -15.67 12.54
CA PRO A 191 -2.84 -15.98 13.73
C PRO A 191 -1.99 -14.83 14.28
N ALA A 192 -2.65 -13.82 14.80
CA ALA A 192 -2.02 -12.59 15.22
C ALA A 192 -0.98 -12.77 16.32
N ARG A 193 -1.15 -13.78 17.19
CA ARG A 193 -0.17 -14.05 18.25
C ARG A 193 1.18 -14.58 17.74
N GLU A 194 1.18 -15.16 16.53
CA GLU A 194 2.38 -15.75 15.94
C GLU A 194 3.02 -14.87 14.86
N GLN A 195 2.32 -13.82 14.43
CA GLN A 195 2.75 -13.04 13.26
C GLN A 195 3.40 -11.74 13.71
N ASN A 196 4.53 -11.42 13.08
CA ASN A 196 5.28 -10.18 13.30
C ASN A 196 5.06 -9.20 12.17
N LEU A 197 4.89 -7.93 12.51
CA LEU A 197 4.80 -6.87 11.51
C LEU A 197 6.10 -6.73 10.72
N ILE A 198 6.01 -6.77 9.39
CA ILE A 198 7.16 -6.65 8.51
C ILE A 198 7.22 -5.29 7.78
N VAL A 199 6.12 -4.89 7.11
CA VAL A 199 6.01 -3.54 6.52
C VAL A 199 4.66 -2.90 6.78
N TYR A 200 4.61 -1.58 6.63
CA TYR A 200 3.48 -0.74 6.97
C TYR A 200 3.59 0.46 6.02
N GLN A 201 2.84 0.41 4.92
CA GLN A 201 3.05 1.31 3.77
C GLN A 201 1.77 1.81 3.14
N VAL A 202 1.86 2.94 2.44
CA VAL A 202 0.83 3.32 1.50
C VAL A 202 1.49 3.76 0.21
N GLY A 203 0.83 3.50 -0.92
CA GLY A 203 1.37 3.83 -2.20
C GLY A 203 0.40 3.56 -3.30
N THR A 204 0.90 3.46 -4.53
CA THR A 204 0.06 3.27 -5.70
C THR A 204 0.64 2.15 -6.58
N GLU A 205 -0.15 1.11 -6.82
CA GLU A 205 0.25 0.06 -7.75
C GLU A 205 -0.08 0.58 -9.13
N CYS A 206 0.91 0.57 -10.02
CA CYS A 206 0.76 1.13 -11.37
C CYS A 206 0.91 0.01 -12.37
N PHE A 207 -0.10 -0.17 -13.22
CA PHE A 207 -0.09 -1.24 -14.22
C PHE A 207 0.23 -0.67 -15.62
N THR A 208 -0.66 0.18 -16.14
CA THR A 208 -0.47 0.83 -17.45
C THR A 208 -1.17 2.17 -17.49
N GLY A 209 -0.73 2.99 -18.43
CA GLY A 209 -1.32 4.30 -18.63
C GLY A 209 -0.33 5.42 -18.50
N GLY A 210 -0.87 6.62 -18.47
CA GLY A 210 -0.10 7.82 -18.24
C GLY A 210 0.18 8.57 -19.51
N PRO A 211 0.88 9.70 -19.41
CA PRO A 211 1.48 10.21 -18.17
C PRO A 211 0.46 10.52 -17.06
N ALA A 212 0.81 10.09 -15.85
CA ALA A 212 -0.05 10.24 -14.70
C ALA A 212 0.79 10.65 -13.51
N ARG A 213 0.13 11.21 -12.50
CA ARG A 213 0.79 11.64 -11.28
CA ARG A 213 0.81 11.64 -11.28
C ARG A 213 -0.08 11.44 -10.07
N PHE A 214 0.47 10.71 -9.10
CA PHE A 214 -0.13 10.48 -7.80
C PHE A 214 0.54 11.48 -6.87
N THR A 215 -0.27 12.27 -6.18
CA THR A 215 0.25 13.19 -5.19
C THR A 215 -0.30 12.84 -3.82
N CYS A 216 0.60 12.55 -2.90
CA CYS A 216 0.24 12.38 -1.51
C CYS A 216 0.44 13.72 -0.83
N ARG A 217 -0.68 14.39 -0.59
CA ARG A 217 -0.70 15.70 0.06
C ARG A 217 -0.23 15.56 1.50
N ASP A 218 -0.54 14.44 2.16
CA ASP A 218 -0.03 14.17 3.51
C ASP A 218 -0.23 12.71 3.85
N PHE A 219 0.77 12.14 4.52
CA PHE A 219 0.71 10.80 5.06
C PHE A 219 1.26 10.85 6.47
N ARG A 220 0.53 10.23 7.40
CA ARG A 220 0.97 10.06 8.76
C ARG A 220 0.69 8.62 9.15
N ALA A 221 1.60 8.02 9.91
CA ALA A 221 1.35 6.71 10.47
C ALA A 221 2.03 6.57 11.82
N ASP A 222 1.31 5.98 12.76
CA ASP A 222 1.80 5.72 14.11
C ASP A 222 1.62 4.23 14.40
N LEU A 223 2.33 3.78 15.42
CA LEU A 223 2.23 2.42 15.91
C LEU A 223 2.41 2.50 17.43
N TRP A 224 1.43 2.01 18.18
CA TRP A 224 1.58 1.85 19.63
C TRP A 224 1.36 0.40 20.01
C2 BGC B . 1.18 -8.32 -3.98
C3 BGC B . 2.51 -7.93 -3.33
C4 BGC B . 3.06 -6.62 -3.87
C5 BGC B . 1.95 -5.56 -3.72
C6 BGC B . 2.34 -4.20 -4.26
C1 BGC B . 0.18 -7.16 -3.94
O1 BGC B . -0.92 -7.45 -4.78
O2 BGC B . 0.60 -9.47 -3.38
O3 BGC B . 3.44 -8.97 -3.60
O4 BGC B . 4.16 -6.18 -3.09
O5 BGC B . 0.79 -5.99 -4.42
O6 BGC B . 2.65 -4.30 -5.63
C2 BGC B . 6.45 -5.47 -2.99
C3 BGC B . 7.90 -5.65 -3.43
C4 BGC B . 8.16 -7.10 -3.86
C5 BGC B . 7.05 -7.60 -4.78
C6 BGC B . 7.32 -8.99 -5.35
C1 BGC B . 5.40 -6.23 -3.81
O2 BGC B . 6.17 -4.09 -2.98
O3 BGC B . 8.68 -5.30 -2.29
O4 BGC B . 9.41 -7.18 -4.53
O5 BGC B . 5.80 -7.56 -4.09
O6 BGC B . 6.90 -9.94 -4.41
C2 BGC B . 10.34 -3.85 -1.31
C3 BGC B . 11.61 -3.07 -1.64
C4 BGC B . 12.64 -3.93 -2.38
C5 BGC B . 11.94 -4.57 -3.59
C6 BGC B . 12.83 -5.53 -4.35
C1 BGC B . 9.81 -4.49 -2.59
O2 BGC B . 9.41 -2.92 -0.80
O3 BGC B . 12.15 -2.49 -0.45
O4 BGC B . 13.70 -3.14 -2.90
O5 BGC B . 10.81 -5.29 -3.17
O6 BGC B . 12.05 -6.16 -5.36
C2 BGC B . 16.03 -2.73 -2.92
C3 BGC B . 17.24 -2.21 -2.15
C4 BGC B . 16.88 -1.03 -1.25
C5 BGC B . 15.67 -1.42 -0.42
C6 BGC B . 15.19 -0.32 0.52
C1 BGC B . 14.81 -2.92 -2.02
O2 BGC B . 16.31 -3.97 -3.54
O3 BGC B . 18.25 -1.85 -3.07
O4 BGC B . 17.96 -0.78 -0.36
O5 BGC B . 14.60 -1.75 -1.27
O6 BGC B . 14.22 -0.90 1.36
C ACT C . 8.29 1.38 16.12
O ACT C . 8.47 0.16 15.93
OXT ACT C . 8.50 2.13 15.14
CH3 ACT C . 7.83 1.92 17.44
#